data_4DQ5
#
_entry.id   4DQ5
#
_cell.length_a   62.159
_cell.length_b   68.785
_cell.length_c   90.045
_cell.angle_alpha   90.000
_cell.angle_beta   90.000
_cell.angle_gamma   90.000
#
_symmetry.space_group_name_H-M   'P 21 21 21'
#
loop_
_entity.id
_entity.type
_entity.pdbx_description
1 polymer 'Membrane protein Phi6 P5wt'
2 non-polymer '4-(2-AMINOETHYL)BENZENESULFONYL FLUORIDE'
3 water water
#
_entity_poly.entity_id   1
_entity_poly.type   'polypeptide(L)'
_entity_poly.pdbx_seq_one_letter_code
;LQALLPKAQSVGNSRVRFTTAEVDSAVARISQKIGVPASYYQFLIPIENFVVAGGFETTVSGSFRGLGQFNRQTWDGLRR
LGRNLPAFEEGSAQLNASLYAIGFLYLENKRAYEASFKGRVFTHEIAYLYHNQGAPAAEQYLTSGRLVYPKQSEAAVAAV
AAARNQHVKESWA
;
_entity_poly.pdbx_strand_id   A,B
#
# COMPACT_ATOMS: atom_id res chain seq x y z
N LEU A 1 27.55 -15.65 -14.70
CA LEU A 1 27.81 -15.66 -13.26
C LEU A 1 26.87 -14.68 -12.55
N GLN A 2 26.06 -15.19 -11.64
CA GLN A 2 25.12 -14.33 -10.94
C GLN A 2 25.82 -13.49 -9.89
N ALA A 3 25.52 -12.21 -9.87
CA ALA A 3 25.96 -11.36 -8.76
C ALA A 3 25.13 -11.73 -7.54
N LEU A 4 25.76 -11.78 -6.38
CA LEU A 4 25.07 -12.21 -5.16
C LEU A 4 24.93 -11.07 -4.14
N SER A 14 14.91 -22.68 -2.36
CA SER A 14 13.98 -23.44 -3.18
C SER A 14 13.63 -22.66 -4.44
N ARG A 15 13.70 -23.32 -5.60
CA ARG A 15 13.39 -22.69 -6.87
C ARG A 15 12.47 -23.53 -7.75
N VAL A 16 11.80 -22.84 -8.67
CA VAL A 16 10.99 -23.49 -9.67
C VAL A 16 11.51 -23.00 -11.02
N ARG A 17 11.53 -23.89 -12.01
CA ARG A 17 12.02 -23.55 -13.33
C ARG A 17 10.87 -23.59 -14.32
N PHE A 18 10.81 -22.58 -15.17
CA PHE A 18 9.88 -22.54 -16.29
C PHE A 18 10.65 -22.35 -17.58
N THR A 19 10.20 -22.97 -18.66
CA THR A 19 10.84 -22.75 -19.96
C THR A 19 10.44 -21.39 -20.54
N THR A 20 11.27 -20.86 -21.42
CA THR A 20 10.97 -19.60 -22.07
C THR A 20 9.65 -19.73 -22.83
N ALA A 21 9.46 -20.84 -23.55
CA ALA A 21 8.24 -21.09 -24.29
C ALA A 21 6.99 -21.08 -23.41
N GLU A 22 7.02 -21.74 -22.26
CA GLU A 22 5.79 -21.79 -21.48
C GLU A 22 5.49 -20.44 -20.84
N VAL A 23 6.54 -19.70 -20.48
CA VAL A 23 6.34 -18.35 -19.96
C VAL A 23 5.78 -17.47 -21.08
N ASP A 24 6.39 -17.55 -22.25
CA ASP A 24 5.95 -16.75 -23.38
C ASP A 24 4.48 -17.02 -23.74
N SER A 25 4.10 -18.30 -23.81
CA SER A 25 2.73 -18.65 -24.17
C SER A 25 1.74 -18.09 -23.17
N ALA A 26 2.05 -18.24 -21.89
CA ALA A 26 1.17 -17.78 -20.83
C ALA A 26 1.11 -16.25 -20.81
N VAL A 27 2.24 -15.59 -20.97
CA VAL A 27 2.27 -14.13 -21.05
C VAL A 27 1.40 -13.65 -22.20
N ALA A 28 1.56 -14.26 -23.37
CA ALA A 28 0.79 -13.85 -24.54
C ALA A 28 -0.70 -13.94 -24.26
N ARG A 29 -1.13 -15.06 -23.70
CA ARG A 29 -2.54 -15.30 -23.41
C ARG A 29 -3.05 -14.34 -22.35
N ILE A 30 -2.34 -14.26 -21.23
CA ILE A 30 -2.81 -13.50 -20.08
C ILE A 30 -2.77 -12.00 -20.34
N SER A 31 -1.68 -11.52 -20.92
CA SER A 31 -1.56 -10.09 -21.21
C SER A 31 -2.74 -9.62 -22.07
N GLN A 32 -3.12 -10.44 -23.06
CA GLN A 32 -4.21 -10.08 -23.97
C GLN A 32 -5.53 -10.02 -23.21
N LYS A 33 -5.74 -11.00 -22.35
CA LYS A 33 -6.97 -11.13 -21.61
C LYS A 33 -7.21 -9.96 -20.65
N ILE A 34 -6.16 -9.51 -19.98
CA ILE A 34 -6.34 -8.49 -18.94
C ILE A 34 -5.87 -7.09 -19.34
N GLY A 35 -5.35 -6.93 -20.56
CA GLY A 35 -5.03 -5.60 -21.06
C GLY A 35 -3.77 -4.99 -20.47
N VAL A 36 -2.75 -5.82 -20.28
CA VAL A 36 -1.45 -5.36 -19.83
C VAL A 36 -0.47 -5.69 -20.93
N PRO A 37 0.42 -4.75 -21.28
CA PRO A 37 1.30 -5.08 -22.40
C PRO A 37 2.24 -6.27 -22.15
N ALA A 38 2.36 -7.15 -23.13
CA ALA A 38 3.27 -8.27 -23.02
C ALA A 38 4.69 -7.80 -22.79
N SER A 39 5.04 -6.66 -23.38
CA SER A 39 6.39 -6.13 -23.25
C SER A 39 6.73 -5.79 -21.78
N TYR A 40 5.73 -5.49 -20.96
CA TYR A 40 5.99 -5.25 -19.54
C TYR A 40 6.44 -6.53 -18.85
N TYR A 41 5.76 -7.64 -19.14
CA TYR A 41 6.17 -8.92 -18.61
C TYR A 41 7.59 -9.26 -19.06
N GLN A 42 7.87 -9.00 -20.33
CA GLN A 42 9.18 -9.31 -20.87
C GLN A 42 10.27 -8.44 -20.24
N PHE A 43 9.93 -7.22 -19.86
CA PHE A 43 10.85 -6.35 -19.14
C PHE A 43 11.10 -6.85 -17.71
N LEU A 44 10.02 -7.18 -17.00
CA LEU A 44 10.10 -7.44 -15.58
C LEU A 44 10.71 -8.80 -15.24
N ILE A 45 10.34 -9.82 -16.01
CA ILE A 45 10.69 -11.18 -15.64
C ILE A 45 12.21 -11.41 -15.54
N PRO A 46 12.99 -10.93 -16.53
CA PRO A 46 14.44 -11.10 -16.40
C PRO A 46 15.09 -10.31 -15.27
N ILE A 47 14.50 -9.21 -14.85
CA ILE A 47 15.05 -8.47 -13.71
C ILE A 47 14.82 -9.20 -12.39
N GLU A 48 13.65 -9.79 -12.23
CA GLU A 48 13.26 -10.41 -10.98
C GLU A 48 13.70 -11.85 -10.80
N ASN A 49 14.10 -12.51 -11.88
CA ASN A 49 14.39 -13.93 -11.84
C ASN A 49 15.71 -14.27 -12.48
N PHE A 50 16.10 -15.53 -12.39
CA PHE A 50 17.36 -15.98 -12.94
C PHE A 50 17.14 -16.48 -14.35
N VAL A 51 17.88 -15.91 -15.29
CA VAL A 51 17.73 -16.31 -16.68
C VAL A 51 18.67 -17.47 -16.90
N VAL A 52 18.14 -18.56 -17.43
CA VAL A 52 18.92 -19.74 -17.76
C VAL A 52 18.72 -20.11 -19.22
N ALA A 53 19.51 -21.07 -19.70
CA ALA A 53 19.57 -21.38 -21.12
C ALA A 53 18.19 -21.62 -21.72
N GLY A 54 17.39 -22.44 -21.05
CA GLY A 54 16.10 -22.85 -21.57
C GLY A 54 14.91 -22.18 -20.89
N GLY A 55 15.15 -21.12 -20.13
CA GLY A 55 14.06 -20.45 -19.47
C GLY A 55 14.45 -19.57 -18.30
N PHE A 56 13.69 -19.70 -17.23
CA PHE A 56 13.86 -18.85 -16.05
C PHE A 56 13.75 -19.71 -14.81
N GLU A 57 14.54 -19.39 -13.80
CA GLU A 57 14.36 -20.00 -12.49
C GLU A 57 13.95 -18.91 -11.52
N THR A 58 13.03 -19.26 -10.64
CA THR A 58 12.48 -18.30 -9.71
C THR A 58 12.50 -18.84 -8.30
N THR A 59 12.90 -17.99 -7.36
N THR A 59 12.89 -18.00 -7.35
CA THR A 59 12.94 -18.34 -5.95
CA THR A 59 12.94 -18.39 -5.95
C THR A 59 11.54 -18.37 -5.35
C THR A 59 11.53 -18.39 -5.37
N VAL A 60 11.20 -19.46 -4.65
CA VAL A 60 9.86 -19.62 -4.08
C VAL A 60 9.90 -19.88 -2.57
N SER A 61 11.02 -19.57 -1.95
CA SER A 61 11.13 -19.60 -0.49
C SER A 61 11.24 -18.18 0.02
N GLY A 62 11.07 -18.00 1.31
CA GLY A 62 11.28 -16.69 1.92
C GLY A 62 10.13 -15.74 1.67
N SER A 63 10.40 -14.45 1.89
CA SER A 63 9.34 -13.45 1.87
C SER A 63 8.85 -13.13 0.46
N PHE A 64 9.75 -13.20 -0.51
CA PHE A 64 9.43 -12.79 -1.89
C PHE A 64 9.53 -14.00 -2.81
N ARG A 65 8.49 -14.25 -3.60
CA ARG A 65 8.36 -15.54 -4.25
C ARG A 65 7.80 -15.49 -5.66
N GLY A 66 8.33 -16.36 -6.51
CA GLY A 66 7.77 -16.61 -7.83
C GLY A 66 8.20 -15.59 -8.85
N LEU A 67 7.66 -15.71 -10.05
CA LEU A 67 8.07 -14.87 -11.17
C LEU A 67 7.91 -13.39 -10.88
N GLY A 68 6.91 -13.03 -10.06
CA GLY A 68 6.69 -11.64 -9.70
C GLY A 68 7.38 -11.21 -8.40
N GLN A 69 8.01 -12.16 -7.72
CA GLN A 69 8.68 -11.88 -6.46
C GLN A 69 7.76 -11.09 -5.54
N PHE A 70 6.54 -11.61 -5.41
CA PHE A 70 5.56 -11.06 -4.49
C PHE A 70 5.83 -11.45 -3.06
N ASN A 71 5.47 -10.56 -2.14
CA ASN A 71 5.26 -10.97 -0.76
C ASN A 71 3.78 -11.22 -0.50
N ARG A 72 3.48 -11.81 0.65
CA ARG A 72 2.11 -12.19 0.97
C ARG A 72 1.21 -10.97 1.02
N GLN A 73 1.70 -9.89 1.61
CA GLN A 73 0.87 -8.71 1.79
C GLN A 73 0.41 -8.13 0.45
N THR A 74 1.30 -8.06 -0.52
CA THR A 74 0.96 -7.50 -1.81
C THR A 74 0.00 -8.42 -2.54
N TRP A 75 0.31 -9.72 -2.49
CA TRP A 75 -0.53 -10.72 -3.11
C TRP A 75 -1.95 -10.66 -2.54
N ASP A 76 -2.06 -10.65 -1.21
CA ASP A 76 -3.36 -10.59 -0.54
C ASP A 76 -4.08 -9.28 -0.84
N GLY A 77 -3.33 -8.21 -1.05
CA GLY A 77 -3.92 -6.94 -1.45
C GLY A 77 -4.71 -7.09 -2.73
N LEU A 78 -4.18 -7.86 -3.67
CA LEU A 78 -4.87 -8.10 -4.94
C LEU A 78 -6.14 -8.92 -4.75
N ARG A 79 -6.06 -9.94 -3.90
CA ARG A 79 -7.24 -10.73 -3.61
C ARG A 79 -8.33 -9.86 -2.97
N ARG A 80 -7.92 -8.93 -2.11
CA ARG A 80 -8.89 -8.06 -1.44
C ARG A 80 -9.63 -7.20 -2.45
N LEU A 81 -8.97 -6.90 -3.58
CA LEU A 81 -9.59 -6.12 -4.64
C LEU A 81 -10.60 -6.94 -5.45
N GLY A 82 -10.65 -8.24 -5.21
CA GLY A 82 -11.57 -9.11 -5.92
C GLY A 82 -10.92 -9.95 -7.00
N ARG A 83 -9.60 -9.86 -7.15
CA ARG A 83 -8.91 -10.67 -8.15
C ARG A 83 -8.92 -12.14 -7.73
N ASN A 84 -9.22 -13.00 -8.69
CA ASN A 84 -9.27 -14.43 -8.40
C ASN A 84 -7.88 -15.05 -8.44
N LEU A 85 -7.25 -15.10 -7.27
CA LEU A 85 -5.95 -15.73 -7.13
C LEU A 85 -6.02 -16.75 -6.01
N PRO A 86 -5.21 -17.81 -6.11
CA PRO A 86 -5.05 -18.73 -4.98
C PRO A 86 -4.35 -18.01 -3.82
N ALA A 87 -4.22 -18.69 -2.69
CA ALA A 87 -3.42 -18.18 -1.59
C ALA A 87 -2.00 -17.91 -2.07
N PHE A 88 -1.36 -16.92 -1.48
CA PHE A 88 -0.03 -16.51 -1.84
C PHE A 88 0.93 -17.67 -1.97
N GLU A 89 1.00 -18.52 -0.94
CA GLU A 89 1.99 -19.58 -0.92
C GLU A 89 1.79 -20.58 -2.05
N GLU A 90 0.55 -20.74 -2.50
CA GLU A 90 0.29 -21.65 -3.61
C GLU A 90 0.50 -20.94 -4.95
N GLY A 91 -0.16 -19.80 -5.14
CA GLY A 91 -0.12 -19.11 -6.41
C GLY A 91 1.26 -18.60 -6.79
N SER A 92 2.04 -18.18 -5.81
CA SER A 92 3.36 -17.60 -6.11
C SER A 92 4.32 -18.65 -6.67
N ALA A 93 4.01 -19.93 -6.50
CA ALA A 93 4.83 -21.00 -7.04
C ALA A 93 4.34 -21.44 -8.42
N GLN A 94 3.24 -20.84 -8.88
CA GLN A 94 2.57 -21.27 -10.10
C GLN A 94 2.82 -20.27 -11.22
N LEU A 95 2.85 -20.77 -12.45
CA LEU A 95 3.05 -19.93 -13.61
C LEU A 95 1.90 -18.96 -13.84
N ASN A 96 0.71 -19.49 -14.08
CA ASN A 96 -0.40 -18.66 -14.48
C ASN A 96 -0.80 -17.67 -13.39
N ALA A 97 -0.94 -18.14 -12.16
CA ALA A 97 -1.37 -17.25 -11.08
C ALA A 97 -0.37 -16.12 -10.89
N SER A 98 0.93 -16.42 -10.95
CA SER A 98 1.93 -15.36 -10.77
C SER A 98 1.88 -14.36 -11.92
N LEU A 99 1.61 -14.81 -13.14
CA LEU A 99 1.53 -13.91 -14.27
C LEU A 99 0.29 -13.03 -14.18
N TYR A 100 -0.85 -13.61 -13.77
CA TYR A 100 -2.03 -12.80 -13.54
C TYR A 100 -1.72 -11.74 -12.48
N ALA A 101 -1.08 -12.14 -11.37
CA ALA A 101 -0.82 -11.20 -10.28
C ALA A 101 0.08 -10.05 -10.75
N ILE A 102 1.13 -10.35 -11.51
CA ILE A 102 1.99 -9.30 -12.04
C ILE A 102 1.15 -8.26 -12.79
N GLY A 103 0.23 -8.75 -13.60
CA GLY A 103 -0.60 -7.90 -14.43
C GLY A 103 -1.64 -7.12 -13.64
N PHE A 104 -2.32 -7.79 -12.73
CA PHE A 104 -3.28 -7.13 -11.87
C PHE A 104 -2.60 -6.01 -11.11
N LEU A 105 -1.38 -6.26 -10.64
CA LEU A 105 -0.67 -5.26 -9.88
C LEU A 105 -0.29 -4.08 -10.78
N TYR A 106 0.14 -4.34 -12.00
CA TYR A 106 0.40 -3.28 -12.97
C TYR A 106 -0.83 -2.38 -13.12
N LEU A 107 -2.00 -2.99 -13.27
CA LEU A 107 -3.23 -2.24 -13.48
C LEU A 107 -3.55 -1.36 -12.29
N GLU A 108 -3.39 -1.88 -11.08
CA GLU A 108 -3.68 -1.10 -9.89
CA GLU A 108 -3.67 -1.11 -9.88
C GLU A 108 -2.66 0.02 -9.71
N ASN A 109 -1.40 -0.28 -9.97
CA ASN A 109 -0.36 0.73 -9.85
C ASN A 109 -0.50 1.84 -10.88
N LYS A 110 -0.98 1.49 -12.07
CA LYS A 110 -1.23 2.49 -13.09
C LYS A 110 -2.25 3.51 -12.59
N ARG A 111 -3.32 3.02 -11.97
CA ARG A 111 -4.33 3.90 -11.39
C ARG A 111 -3.73 4.77 -10.29
N ALA A 112 -2.92 4.19 -9.41
CA ALA A 112 -2.32 4.95 -8.33
C ALA A 112 -1.38 6.04 -8.87
N TYR A 113 -0.58 5.70 -9.87
CA TYR A 113 0.36 6.66 -10.43
C TYR A 113 -0.37 7.82 -11.07
N GLU A 114 -1.35 7.51 -11.90
CA GLU A 114 -2.07 8.54 -12.64
C GLU A 114 -2.89 9.44 -11.71
N ALA A 115 -3.34 8.92 -10.57
CA ALA A 115 -4.12 9.73 -9.65
C ALA A 115 -3.26 10.74 -8.91
N SER A 116 -2.01 10.40 -8.63
CA SER A 116 -1.11 11.30 -7.91
C SER A 116 -0.37 12.26 -8.81
N PHE A 117 -0.04 11.78 -10.01
CA PHE A 117 0.73 12.57 -10.96
C PHE A 117 -0.11 12.72 -12.21
N LYS A 118 -1.04 13.65 -12.12
CA LYS A 118 -2.00 13.86 -13.19
CA LYS A 118 -2.00 13.86 -13.19
C LYS A 118 -1.30 14.37 -14.43
N GLY A 119 -1.69 13.84 -15.58
CA GLY A 119 -1.09 14.22 -16.85
C GLY A 119 0.22 13.52 -17.18
N ARG A 120 0.68 12.61 -16.34
CA ARG A 120 1.94 11.89 -16.56
CA ARG A 120 1.93 11.90 -16.63
C ARG A 120 1.68 10.47 -17.08
N VAL A 121 2.69 9.89 -17.74
CA VAL A 121 2.55 8.57 -18.36
C VAL A 121 3.20 7.44 -17.57
N PHE A 122 2.45 6.36 -17.35
CA PHE A 122 2.91 5.20 -16.59
C PHE A 122 3.72 4.28 -17.51
N THR A 123 5.04 4.51 -17.56
CA THR A 123 5.92 3.74 -18.43
C THR A 123 6.27 2.40 -17.76
N HIS A 124 6.96 1.52 -18.47
CA HIS A 124 7.31 0.21 -17.92
C HIS A 124 8.23 0.33 -16.71
N GLU A 125 9.21 1.22 -16.79
CA GLU A 125 10.14 1.36 -15.67
C GLU A 125 9.44 1.97 -14.47
N ILE A 126 8.53 2.92 -14.68
CA ILE A 126 7.73 3.43 -13.56
C ILE A 126 6.86 2.30 -12.98
N ALA A 127 6.25 1.49 -13.85
CA ALA A 127 5.46 0.36 -13.37
C ALA A 127 6.33 -0.59 -12.54
N TYR A 128 7.56 -0.81 -12.98
CA TYR A 128 8.47 -1.68 -12.25
C TYR A 128 8.83 -1.09 -10.88
N LEU A 129 9.07 0.22 -10.83
CA LEU A 129 9.31 0.89 -9.57
C LEU A 129 8.14 0.66 -8.61
N TYR A 130 6.92 0.80 -9.10
CA TYR A 130 5.76 0.57 -8.27
C TYR A 130 5.69 -0.89 -7.83
N HIS A 131 6.00 -1.81 -8.72
CA HIS A 131 6.05 -3.23 -8.38
C HIS A 131 7.09 -3.52 -7.30
N ASN A 132 8.26 -2.92 -7.44
CA ASN A 132 9.40 -3.19 -6.58
C ASN A 132 9.24 -2.60 -5.19
N GLN A 133 8.79 -1.36 -5.09
CA GLN A 133 8.73 -0.66 -3.82
C GLN A 133 7.35 -0.66 -3.19
N GLY A 134 6.33 -1.02 -3.97
CA GLY A 134 4.96 -0.82 -3.56
C GLY A 134 4.53 0.60 -3.88
N ALA A 135 3.25 0.81 -4.15
CA ALA A 135 2.80 2.11 -4.58
C ALA A 135 3.10 3.26 -3.60
N PRO A 136 2.87 3.06 -2.29
CA PRO A 136 3.19 4.16 -1.36
C PRO A 136 4.67 4.57 -1.42
N ALA A 137 5.57 3.61 -1.29
CA ALA A 137 6.99 3.91 -1.29
C ALA A 137 7.46 4.37 -2.66
N ALA A 138 6.82 3.88 -3.72
CA ALA A 138 7.21 4.31 -5.06
C ALA A 138 6.96 5.80 -5.26
N GLU A 139 5.78 6.24 -4.85
CA GLU A 139 5.45 7.66 -4.94
C GLU A 139 6.45 8.46 -4.11
N GLN A 140 6.80 7.95 -2.93
CA GLN A 140 7.78 8.60 -2.07
C GLN A 140 9.15 8.71 -2.71
N TYR A 141 9.58 7.68 -3.43
CA TYR A 141 10.84 7.75 -4.16
C TYR A 141 10.77 8.79 -5.27
N LEU A 142 9.65 8.81 -6.01
CA LEU A 142 9.53 9.76 -7.09
C LEU A 142 9.60 11.20 -6.57
N THR A 143 8.98 11.48 -5.44
CA THR A 143 9.03 12.85 -4.92
C THR A 143 10.36 13.17 -4.24
N SER A 144 10.91 12.24 -3.48
CA SER A 144 12.06 12.53 -2.61
C SER A 144 13.42 12.17 -3.23
N GLY A 145 13.42 11.21 -4.15
CA GLY A 145 14.66 10.71 -4.72
C GLY A 145 15.36 9.67 -3.84
N ARG A 146 14.71 9.27 -2.75
CA ARG A 146 15.28 8.34 -1.80
C ARG A 146 14.40 7.11 -1.65
N LEU A 147 14.96 5.92 -1.81
CA LEU A 147 14.18 4.68 -1.71
C LEU A 147 13.85 4.35 -0.25
N VAL A 148 12.60 3.99 -0.01
CA VAL A 148 12.18 3.55 1.32
C VAL A 148 12.82 2.20 1.63
N TYR A 149 12.92 1.37 0.59
CA TYR A 149 13.49 0.04 0.69
C TYR A 149 14.69 -0.04 -0.27
N PRO A 150 15.85 0.51 0.16
CA PRO A 150 17.01 0.70 -0.72
C PRO A 150 17.79 -0.57 -1.06
N LYS A 151 17.57 -1.65 -0.33
CA LYS A 151 18.35 -2.87 -0.52
C LYS A 151 17.83 -3.66 -1.72
N GLN A 152 18.16 -3.16 -2.91
CA GLN A 152 17.72 -3.76 -4.15
C GLN A 152 18.93 -4.09 -5.02
N SER A 153 18.74 -4.96 -5.99
CA SER A 153 19.81 -5.35 -6.91
C SER A 153 20.23 -4.16 -7.77
N GLU A 154 21.41 -4.24 -8.39
CA GLU A 154 21.88 -3.16 -9.24
C GLU A 154 20.96 -2.95 -10.45
N ALA A 155 20.41 -4.03 -10.98
CA ALA A 155 19.48 -3.92 -12.10
C ALA A 155 18.19 -3.25 -11.67
N ALA A 156 17.71 -3.57 -10.46
CA ALA A 156 16.50 -2.94 -9.94
C ALA A 156 16.75 -1.46 -9.69
N VAL A 157 17.91 -1.14 -9.12
CA VAL A 157 18.28 0.27 -8.91
C VAL A 157 18.37 1.02 -10.23
N ALA A 158 18.98 0.43 -11.25
CA ALA A 158 19.08 1.09 -12.55
C ALA A 158 17.69 1.36 -13.09
N ALA A 159 16.80 0.38 -12.92
CA ALA A 159 15.45 0.51 -13.47
C ALA A 159 14.69 1.62 -12.77
N VAL A 160 14.78 1.70 -11.45
CA VAL A 160 14.01 2.72 -10.74
C VAL A 160 14.63 4.10 -10.95
N ALA A 161 15.94 4.20 -11.13
CA ALA A 161 16.57 5.47 -11.49
C ALA A 161 16.07 5.95 -12.85
N ALA A 162 16.00 5.04 -13.81
CA ALA A 162 15.46 5.39 -15.12
C ALA A 162 13.99 5.81 -14.99
N ALA A 163 13.25 5.12 -14.14
CA ALA A 163 11.84 5.45 -13.89
C ALA A 163 11.71 6.89 -13.42
N ARG A 164 12.52 7.29 -12.46
CA ARG A 164 12.40 8.65 -11.91
C ARG A 164 12.77 9.67 -12.99
N ASN A 165 13.77 9.34 -13.80
CA ASN A 165 14.17 10.20 -14.91
CA ASN A 165 14.17 10.17 -14.94
C ASN A 165 13.01 10.41 -15.87
N GLN A 166 12.33 9.32 -16.24
CA GLN A 166 11.20 9.38 -17.15
C GLN A 166 10.05 10.15 -16.54
N HIS A 167 9.86 9.97 -15.24
CA HIS A 167 8.79 10.63 -14.51
C HIS A 167 8.92 12.14 -14.55
N VAL A 168 10.12 12.61 -14.27
CA VAL A 168 10.38 14.04 -14.14
C VAL A 168 10.36 14.78 -15.47
N LYS A 169 10.94 14.17 -16.50
CA LYS A 169 11.15 14.86 -17.76
C LYS A 169 9.88 14.83 -18.60
N GLU A 170 9.62 15.93 -19.29
CA GLU A 170 8.34 16.10 -19.97
C GLU A 170 8.23 15.22 -21.20
N SER A 171 9.36 15.00 -21.87
CA SER A 171 9.36 14.27 -23.12
C SER A 171 10.66 13.50 -23.30
N TRP A 172 10.67 12.60 -24.28
CA TRP A 172 11.91 11.97 -24.69
C TRP A 172 12.85 13.05 -25.18
N ALA A 173 14.16 12.86 -25.00
CA ALA A 173 15.10 13.92 -25.30
C ALA A 173 16.53 13.44 -25.18
N SER B 14 -2.50 26.69 7.10
CA SER B 14 -1.47 25.82 7.64
C SER B 14 -2.05 24.90 8.70
N ARG B 15 -2.78 25.48 9.63
CA ARG B 15 -3.42 24.72 10.69
C ARG B 15 -4.91 25.05 10.78
N VAL B 16 -5.69 24.10 11.29
CA VAL B 16 -7.12 24.26 11.44
C VAL B 16 -7.53 23.76 12.82
N ARG B 17 -8.47 24.45 13.45
CA ARG B 17 -8.99 24.08 14.75
C ARG B 17 -10.43 23.63 14.67
N PHE B 18 -10.76 22.60 15.44
CA PHE B 18 -12.14 22.16 15.58
C PHE B 18 -12.48 22.10 17.06
N THR B 19 -13.70 22.50 17.42
CA THR B 19 -14.11 22.45 18.81
C THR B 19 -14.51 21.05 19.23
N THR B 20 -14.41 20.79 20.52
CA THR B 20 -14.87 19.53 21.09
C THR B 20 -16.31 19.25 20.68
N ALA B 21 -17.18 20.25 20.76
CA ALA B 21 -18.59 20.05 20.43
C ALA B 21 -18.78 19.64 18.97
N GLU B 22 -18.07 20.33 18.07
CA GLU B 22 -18.10 20.03 16.64
C GLU B 22 -17.71 18.58 16.36
N VAL B 23 -16.59 18.18 16.93
CA VAL B 23 -16.05 16.86 16.67
C VAL B 23 -16.96 15.80 17.25
N ASP B 24 -17.38 15.98 18.51
CA ASP B 24 -18.24 14.98 19.14
C ASP B 24 -19.52 14.76 18.35
N SER B 25 -20.13 15.85 17.89
CA SER B 25 -21.40 15.76 17.17
CA SER B 25 -21.39 15.77 17.16
C SER B 25 -21.22 15.06 15.82
N ALA B 26 -20.16 15.40 15.11
CA ALA B 26 -19.93 14.79 13.80
C ALA B 26 -19.54 13.32 13.97
N VAL B 27 -18.75 13.01 14.99
CA VAL B 27 -18.36 11.62 15.25
C VAL B 27 -19.60 10.77 15.57
N ALA B 28 -20.48 11.29 16.41
CA ALA B 28 -21.70 10.56 16.76
C ALA B 28 -22.51 10.22 15.52
N ARG B 29 -22.71 11.21 14.65
CA ARG B 29 -23.51 11.05 13.45
CA ARG B 29 -23.52 11.02 13.46
C ARG B 29 -22.85 10.10 12.45
N ILE B 30 -21.58 10.34 12.16
CA ILE B 30 -20.89 9.60 11.12
C ILE B 30 -20.62 8.16 11.54
N SER B 31 -20.18 7.95 12.77
CA SER B 31 -19.89 6.60 13.23
C SER B 31 -21.11 5.70 13.04
N GLN B 32 -22.27 6.22 13.40
CA GLN B 32 -23.51 5.45 13.35
C GLN B 32 -23.89 5.17 11.90
N LYS B 33 -23.73 6.17 11.03
CA LYS B 33 -24.07 6.03 9.62
C LYS B 33 -23.25 4.93 8.94
N ILE B 34 -21.95 4.91 9.16
CA ILE B 34 -21.08 4.04 8.38
C ILE B 34 -20.64 2.78 9.13
N GLY B 35 -21.05 2.64 10.38
CA GLY B 35 -20.81 1.42 11.11
C GLY B 35 -19.38 1.27 11.61
N VAL B 36 -18.81 2.38 12.07
CA VAL B 36 -17.49 2.36 12.69
C VAL B 36 -17.67 2.85 14.13
N PRO B 37 -17.09 2.14 15.10
CA PRO B 37 -17.35 2.53 16.49
C PRO B 37 -16.90 3.96 16.82
N ALA B 38 -17.77 4.73 17.48
CA ALA B 38 -17.40 6.05 17.94
C ALA B 38 -16.13 5.99 18.78
N SER B 39 -15.96 4.92 19.55
CA SER B 39 -14.80 4.79 20.42
C SER B 39 -13.48 4.72 19.65
N TYR B 40 -13.53 4.30 18.38
CA TYR B 40 -12.32 4.30 17.57
C TYR B 40 -11.91 5.73 17.27
N TYR B 41 -12.87 6.55 16.86
CA TYR B 41 -12.61 7.96 16.64
C TYR B 41 -12.07 8.61 17.91
N GLN B 42 -12.67 8.25 19.05
CA GLN B 42 -12.26 8.83 20.33
C GLN B 42 -10.82 8.46 20.69
N PHE B 43 -10.38 7.28 20.24
CA PHE B 43 -9.01 6.84 20.44
C PHE B 43 -8.05 7.53 19.47
N LEU B 44 -8.41 7.55 18.19
CA LEU B 44 -7.54 8.04 17.14
C LEU B 44 -7.35 9.56 17.12
N ILE B 45 -8.43 10.32 17.31
CA ILE B 45 -8.36 11.76 17.10
C ILE B 45 -7.33 12.46 18.00
N PRO B 46 -7.29 12.14 19.31
CA PRO B 46 -6.27 12.79 20.16
C PRO B 46 -4.83 12.35 19.88
N ILE B 47 -4.65 11.22 19.22
CA ILE B 47 -3.32 10.77 18.84
C ILE B 47 -2.85 11.51 17.59
N GLU B 48 -3.73 11.61 16.59
CA GLU B 48 -3.39 12.20 15.31
C GLU B 48 -3.32 13.72 15.34
N ASN B 49 -3.96 14.33 16.33
CA ASN B 49 -4.14 15.77 16.37
C ASN B 49 -3.72 16.33 17.71
N PHE B 50 -3.54 17.64 17.76
CA PHE B 50 -3.15 18.27 19.01
C PHE B 50 -4.39 18.56 19.85
N VAL B 51 -4.36 18.08 21.08
CA VAL B 51 -5.38 18.41 22.06
C VAL B 51 -5.08 19.81 22.59
N VAL B 52 -5.98 20.74 22.32
CA VAL B 52 -5.76 22.13 22.71
C VAL B 52 -6.95 22.62 23.52
N ALA B 53 -6.86 23.83 24.03
CA ALA B 53 -7.95 24.39 24.80
C ALA B 53 -9.19 24.44 23.93
N GLY B 54 -10.22 23.71 24.35
CA GLY B 54 -11.50 23.78 23.66
C GLY B 54 -11.68 22.85 22.46
N GLY B 55 -10.68 22.04 22.14
CA GLY B 55 -10.85 21.08 21.06
C GLY B 55 -9.55 20.53 20.51
N PHE B 56 -9.43 20.57 19.19
CA PHE B 56 -8.30 19.97 18.50
C PHE B 56 -7.73 20.91 17.47
N GLU B 57 -6.43 20.79 17.27
CA GLU B 57 -5.74 21.56 16.24
C GLU B 57 -5.02 20.59 15.33
N THR B 58 -5.11 20.84 14.03
CA THR B 58 -4.55 19.92 13.05
C THR B 58 -3.78 20.68 11.98
N THR B 59 -2.77 20.02 11.42
CA THR B 59 -2.01 20.57 10.32
C THR B 59 -2.63 20.09 9.03
N VAL B 60 -2.70 20.95 8.02
CA VAL B 60 -3.32 20.57 6.75
C VAL B 60 -2.38 20.78 5.57
N SER B 61 -1.11 20.45 5.78
CA SER B 61 -0.07 20.65 4.78
C SER B 61 0.60 19.34 4.41
N GLY B 62 1.06 19.25 3.17
CA GLY B 62 1.89 18.13 2.73
C GLY B 62 1.26 16.76 2.79
N SER B 63 2.05 15.80 3.26
CA SER B 63 1.64 14.40 3.25
C SER B 63 0.91 13.98 4.53
N PHE B 64 0.59 14.93 5.38
CA PHE B 64 -0.09 14.64 6.63
C PHE B 64 -1.15 15.69 6.81
N ARG B 65 -2.35 15.45 6.28
CA ARG B 65 -3.38 16.48 6.33
C ARG B 65 -4.62 16.15 7.13
N GLY B 66 -4.97 17.06 8.03
CA GLY B 66 -6.25 17.03 8.70
C GLY B 66 -6.39 16.06 9.84
N LEU B 67 -7.62 15.88 10.30
CA LEU B 67 -7.91 15.05 11.45
C LEU B 67 -7.39 13.62 11.29
N GLY B 68 -7.35 13.13 10.05
CA GLY B 68 -6.88 11.78 9.78
C GLY B 68 -5.43 11.70 9.34
N GLN B 69 -4.77 12.85 9.22
CA GLN B 69 -3.39 12.91 8.77
C GLN B 69 -3.17 12.12 7.49
N PHE B 70 -4.06 12.36 6.54
CA PHE B 70 -4.02 11.65 5.28
C PHE B 70 -2.99 12.21 4.33
N ASN B 71 -2.41 11.31 3.56
CA ASN B 71 -1.71 11.69 2.35
C ASN B 71 -2.61 11.44 1.14
N ARG B 72 -2.17 11.99 0.01
CA ARG B 72 -2.95 11.97 -1.20
C ARG B 72 -3.24 10.55 -1.68
N GLN B 73 -2.24 9.67 -1.63
CA GLN B 73 -2.41 8.34 -2.18
C GLN B 73 -3.43 7.53 -1.39
N THR B 74 -3.41 7.68 -0.07
CA THR B 74 -4.35 6.95 0.78
C THR B 74 -5.77 7.46 0.52
N TRP B 75 -5.92 8.78 0.47
CA TRP B 75 -7.21 9.38 0.21
C TRP B 75 -7.76 8.92 -1.14
N ASP B 76 -6.94 9.02 -2.17
CA ASP B 76 -7.38 8.63 -3.51
C ASP B 76 -7.64 7.13 -3.59
N GLY B 77 -6.90 6.35 -2.80
CA GLY B 77 -7.15 4.92 -2.72
C GLY B 77 -8.55 4.61 -2.24
N LEU B 78 -9.06 5.39 -1.28
CA LEU B 78 -10.42 5.19 -0.81
C LEU B 78 -11.41 5.51 -1.93
N ARG B 79 -11.13 6.55 -2.69
CA ARG B 79 -12.00 6.89 -3.80
C ARG B 79 -11.99 5.76 -4.83
N ARG B 80 -10.83 5.15 -5.04
CA ARG B 80 -10.69 4.05 -6.00
C ARG B 80 -11.52 2.84 -5.58
N LEU B 81 -11.68 2.65 -4.28
CA LEU B 81 -12.51 1.58 -3.72
C LEU B 81 -14.00 1.84 -3.97
N GLY B 82 -14.33 3.06 -4.36
CA GLY B 82 -15.71 3.43 -4.62
C GLY B 82 -16.31 4.36 -3.57
N ARG B 83 -15.49 4.83 -2.63
CA ARG B 83 -16.01 5.76 -1.64
C ARG B 83 -16.21 7.12 -2.27
N ASN B 84 -17.35 7.72 -1.94
CA ASN B 84 -17.63 9.07 -2.35
C ASN B 84 -17.00 10.00 -1.34
N LEU B 85 -15.89 10.60 -1.73
CA LEU B 85 -15.19 11.62 -0.98
C LEU B 85 -14.88 12.72 -1.97
N PRO B 86 -14.76 13.95 -1.48
CA PRO B 86 -14.32 15.04 -2.36
C PRO B 86 -12.82 14.91 -2.65
N ALA B 87 -12.30 15.79 -3.48
CA ALA B 87 -10.87 15.83 -3.75
C ALA B 87 -10.08 15.92 -2.46
N PHE B 88 -8.92 15.27 -2.45
CA PHE B 88 -8.01 15.26 -1.31
C PHE B 88 -7.80 16.66 -0.75
N GLU B 89 -7.49 17.60 -1.62
CA GLU B 89 -7.17 18.96 -1.19
C GLU B 89 -8.31 19.58 -0.41
N GLU B 90 -9.53 19.27 -0.83
CA GLU B 90 -10.70 19.79 -0.17
C GLU B 90 -11.01 19.06 1.13
N GLY B 91 -11.22 17.75 1.03
CA GLY B 91 -11.76 17.00 2.13
C GLY B 91 -10.82 16.81 3.29
N SER B 92 -9.52 16.73 3.03
CA SER B 92 -8.58 16.45 4.11
C SER B 92 -8.47 17.62 5.07
N ALA B 93 -8.95 18.80 4.68
CA ALA B 93 -8.96 19.96 5.57
C ALA B 93 -10.30 20.15 6.30
N GLN B 94 -11.28 19.32 5.97
CA GLN B 94 -12.63 19.48 6.47
C GLN B 94 -12.97 18.45 7.54
N LEU B 95 -13.86 18.83 8.45
CA LEU B 95 -14.28 17.95 9.53
C LEU B 95 -14.99 16.71 9.01
N ASN B 96 -16.11 16.91 8.31
CA ASN B 96 -16.97 15.79 7.93
C ASN B 96 -16.28 14.82 6.97
N ALA B 97 -15.75 15.31 5.87
CA ALA B 97 -15.12 14.43 4.90
C ALA B 97 -13.98 13.65 5.54
N SER B 98 -13.20 14.29 6.40
CA SER B 98 -12.10 13.59 7.05
C SER B 98 -12.58 12.49 8.00
N LEU B 99 -13.66 12.75 8.73
CA LEU B 99 -14.20 11.74 9.62
C LEU B 99 -14.72 10.55 8.81
N TYR B 100 -15.41 10.81 7.71
CA TYR B 100 -15.82 9.73 6.83
C TYR B 100 -14.60 8.96 6.36
N ALA B 101 -13.56 9.65 5.89
CA ALA B 101 -12.37 8.97 5.37
C ALA B 101 -11.70 8.11 6.44
N ILE B 102 -11.60 8.61 7.67
CA ILE B 102 -11.03 7.84 8.75
C ILE B 102 -11.77 6.51 8.90
N GLY B 103 -13.10 6.59 8.83
CA GLY B 103 -13.95 5.43 8.99
C GLY B 103 -13.85 4.49 7.81
N PHE B 104 -13.85 5.02 6.60
CA PHE B 104 -13.71 4.17 5.43
C PHE B 104 -12.38 3.42 5.47
N LEU B 105 -11.33 4.10 5.92
CA LEU B 105 -10.02 3.46 6.02
C LEU B 105 -10.02 2.35 7.09
N TYR B 106 -10.67 2.61 8.23
CA TYR B 106 -10.84 1.60 9.26
C TYR B 106 -11.50 0.36 8.66
N LEU B 107 -12.54 0.56 7.88
CA LEU B 107 -13.29 -0.57 7.33
C LEU B 107 -12.44 -1.36 6.35
N GLU B 108 -11.64 -0.69 5.53
CA GLU B 108 -10.78 -1.39 4.60
C GLU B 108 -9.66 -2.13 5.33
N ASN B 109 -9.10 -1.49 6.33
CA ASN B 109 -8.02 -2.11 7.10
C ASN B 109 -8.51 -3.28 7.94
N LYS B 110 -9.77 -3.24 8.37
CA LYS B 110 -10.37 -4.36 9.07
C LYS B 110 -10.39 -5.56 8.15
N ARG B 111 -10.80 -5.36 6.91
CA ARG B 111 -10.78 -6.45 5.93
C ARG B 111 -9.37 -6.97 5.73
N ALA B 112 -8.41 -6.06 5.65
CA ALA B 112 -7.03 -6.44 5.39
C ALA B 112 -6.50 -7.29 6.53
N TYR B 113 -6.73 -6.85 7.76
CA TYR B 113 -6.20 -7.57 8.91
C TYR B 113 -6.87 -8.93 9.03
N GLU B 114 -8.18 -8.98 8.81
CA GLU B 114 -8.94 -10.22 9.03
C GLU B 114 -8.60 -11.22 7.94
N ALA B 115 -8.24 -10.75 6.75
CA ALA B 115 -7.81 -11.64 5.66
C ALA B 115 -6.39 -12.15 5.88
N SER B 116 -5.51 -11.28 6.38
CA SER B 116 -4.12 -11.62 6.62
C SER B 116 -3.95 -12.53 7.83
N PHE B 117 -4.75 -12.29 8.86
CA PHE B 117 -4.62 -12.98 10.13
C PHE B 117 -5.98 -13.49 10.59
N LYS B 118 -6.35 -14.66 10.05
CA LYS B 118 -7.59 -15.34 10.35
C LYS B 118 -7.97 -15.29 11.83
N GLY B 119 -9.14 -14.75 12.13
CA GLY B 119 -9.70 -14.86 13.45
C GLY B 119 -9.24 -13.82 14.47
N ARG B 120 -8.17 -13.11 14.19
CA ARG B 120 -7.61 -12.19 15.19
C ARG B 120 -8.49 -10.96 15.34
N VAL B 121 -8.46 -10.37 16.53
CA VAL B 121 -9.32 -9.22 16.80
C VAL B 121 -8.73 -7.93 16.27
N PHE B 122 -9.52 -7.21 15.47
CA PHE B 122 -9.15 -5.89 14.96
C PHE B 122 -9.46 -4.86 16.01
N THR B 123 -8.55 -4.69 16.94
CA THR B 123 -8.72 -3.76 18.03
C THR B 123 -8.51 -2.33 17.53
N HIS B 124 -8.87 -1.37 18.37
CA HIS B 124 -8.62 0.01 18.02
C HIS B 124 -7.14 0.27 17.82
N GLU B 125 -6.29 -0.37 18.62
CA GLU B 125 -4.85 -0.17 18.49
C GLU B 125 -4.34 -0.73 17.17
N ILE B 126 -4.80 -1.92 16.78
CA ILE B 126 -4.43 -2.52 15.50
CA ILE B 126 -4.39 -2.49 15.52
C ILE B 126 -4.93 -1.65 14.36
N ALA B 127 -6.17 -1.20 14.46
CA ALA B 127 -6.74 -0.30 13.46
C ALA B 127 -5.88 0.94 13.34
N TYR B 128 -5.47 1.50 14.48
CA TYR B 128 -4.61 2.67 14.47
C TYR B 128 -3.27 2.41 13.83
N LEU B 129 -2.66 1.27 14.14
CA LEU B 129 -1.40 0.89 13.50
C LEU B 129 -1.53 0.85 11.98
N TYR B 130 -2.61 0.23 11.49
CA TYR B 130 -2.85 0.18 10.06
C TYR B 130 -3.05 1.60 9.50
N HIS B 131 -3.77 2.44 10.23
CA HIS B 131 -3.99 3.84 9.82
C HIS B 131 -2.66 4.58 9.74
N ASN B 132 -1.83 4.41 10.75
CA ASN B 132 -0.60 5.18 10.89
C ASN B 132 0.49 4.77 9.90
N GLN B 133 0.70 3.47 9.77
CA GLN B 133 1.80 2.96 8.96
C GLN B 133 1.40 2.61 7.54
N GLY B 134 0.10 2.50 7.31
CA GLY B 134 -0.42 1.90 6.08
C GLY B 134 -0.43 0.39 6.22
N ALA B 135 -1.33 -0.29 5.51
CA ALA B 135 -1.47 -1.72 5.66
C ALA B 135 -0.17 -2.49 5.40
N PRO B 136 0.54 -2.20 4.30
CA PRO B 136 1.76 -2.95 4.04
C PRO B 136 2.81 -2.81 5.15
N ALA B 137 3.11 -1.58 5.57
CA ALA B 137 4.12 -1.37 6.58
C ALA B 137 3.63 -1.84 7.95
N ALA B 138 2.32 -1.80 8.17
CA ALA B 138 1.76 -2.28 9.42
C ALA B 138 2.04 -3.78 9.57
N GLU B 139 1.82 -4.53 8.50
CA GLU B 139 2.05 -5.97 8.54
C GLU B 139 3.53 -6.26 8.72
N GLN B 140 4.38 -5.47 8.04
CA GLN B 140 5.82 -5.60 8.23
C GLN B 140 6.24 -5.40 9.69
N TYR B 141 5.63 -4.42 10.36
CA TYR B 141 5.93 -4.17 11.77
C TYR B 141 5.46 -5.33 12.62
N LEU B 142 4.27 -5.84 12.35
CA LEU B 142 3.76 -6.96 13.13
C LEU B 142 4.71 -8.16 13.05
N THR B 143 5.29 -8.39 11.88
CA THR B 143 6.24 -9.47 11.67
C THR B 143 7.60 -9.22 12.34
N SER B 144 8.17 -8.03 12.11
CA SER B 144 9.57 -7.77 12.43
C SER B 144 9.81 -7.07 13.76
N GLY B 145 8.84 -6.30 14.23
CA GLY B 145 9.01 -5.50 15.42
C GLY B 145 9.73 -4.19 15.16
N ARG B 146 9.98 -3.89 13.90
CA ARG B 146 10.61 -2.63 13.52
C ARG B 146 9.71 -1.82 12.60
N LEU B 147 9.41 -0.59 13.00
CA LEU B 147 8.55 0.25 12.18
C LEU B 147 9.27 0.70 10.92
N VAL B 148 8.59 0.59 9.79
CA VAL B 148 9.13 1.13 8.55
C VAL B 148 9.25 2.64 8.65
N TYR B 149 8.28 3.27 9.32
CA TYR B 149 8.25 4.72 9.50
C TYR B 149 8.27 5.03 11.00
N PRO B 150 9.46 5.03 11.61
CA PRO B 150 9.52 5.05 13.08
C PRO B 150 9.36 6.42 13.71
N LYS B 151 9.44 7.48 12.91
CA LYS B 151 9.34 8.84 13.42
CA LYS B 151 9.35 8.84 13.43
C LYS B 151 7.90 9.22 13.70
N GLN B 152 7.40 8.82 14.86
CA GLN B 152 6.03 9.10 15.25
C GLN B 152 6.00 9.72 16.64
N SER B 153 4.86 10.32 16.98
CA SER B 153 4.70 10.92 18.29
C SER B 153 4.76 9.85 19.39
N GLU B 154 4.92 10.30 20.62
CA GLU B 154 4.94 9.41 21.77
C GLU B 154 3.63 8.61 21.87
N ALA B 155 2.50 9.26 21.64
CA ALA B 155 1.21 8.59 21.73
C ALA B 155 1.04 7.57 20.60
N ALA B 156 1.51 7.89 19.40
CA ALA B 156 1.41 6.97 18.28
C ALA B 156 2.30 5.75 18.51
N VAL B 157 3.51 5.98 19.01
CA VAL B 157 4.41 4.88 19.29
C VAL B 157 3.82 3.93 20.34
N ALA B 158 3.24 4.50 21.39
CA ALA B 158 2.61 3.69 22.41
C ALA B 158 1.46 2.89 21.82
N ALA B 159 0.69 3.51 20.94
CA ALA B 159 -0.46 2.84 20.34
C ALA B 159 -0.01 1.66 19.47
N VAL B 160 0.99 1.86 18.62
CA VAL B 160 1.40 0.78 17.73
C VAL B 160 2.13 -0.32 18.50
N ALA B 161 2.85 0.04 19.55
CA ALA B 161 3.50 -0.96 20.40
C ALA B 161 2.43 -1.81 21.07
N ALA B 162 1.37 -1.15 21.54
CA ALA B 162 0.25 -1.86 22.15
C ALA B 162 -0.40 -2.81 21.14
N ALA B 163 -0.57 -2.35 19.91
CA ALA B 163 -1.14 -3.16 18.86
C ALA B 163 -0.31 -4.42 18.64
N ARG B 164 1.00 -4.25 18.50
CA ARG B 164 1.85 -5.41 18.24
CA ARG B 164 1.86 -5.40 18.25
C ARG B 164 1.84 -6.38 19.41
N ASN B 165 1.80 -5.83 20.63
CA ASN B 165 1.73 -6.67 21.82
C ASN B 165 0.46 -7.50 21.83
N GLN B 166 -0.66 -6.90 21.42
CA GLN B 166 -1.91 -7.63 21.27
C GLN B 166 -1.80 -8.74 20.23
N HIS B 167 -1.20 -8.42 19.09
CA HIS B 167 -1.05 -9.36 17.99
C HIS B 167 -0.18 -10.56 18.40
N VAL B 168 0.94 -10.29 19.07
CA VAL B 168 1.83 -11.36 19.49
C VAL B 168 1.15 -12.27 20.51
N LYS B 169 0.34 -11.71 21.39
CA LYS B 169 -0.40 -12.51 22.35
C LYS B 169 -1.28 -13.51 21.60
N GLU B 170 -1.93 -13.05 20.55
CA GLU B 170 -2.75 -13.96 19.74
C GLU B 170 -1.90 -15.03 19.07
N SER B 171 -0.65 -14.72 18.74
CA SER B 171 0.24 -15.74 18.18
C SER B 171 0.56 -16.84 19.20
N TRP B 172 0.51 -16.52 20.49
CA TRP B 172 0.80 -17.49 21.54
C TRP B 172 -0.46 -18.22 22.01
N ALA B 173 -1.61 -17.89 21.42
CA ALA B 173 -2.89 -18.40 21.91
C ALA B 173 -3.03 -19.91 21.86
#